data_6QES
#
_entry.id   6QES
#
_entity_poly.entity_id   1
_entity_poly.type   'polypeptide(L)'
_entity_poly.pdbx_seq_one_letter_code
;LPRDTSRCVGYHGYCIRSKVCPKPFAAFGTCSWRQKTCCV
;
_entity_poly.pdbx_strand_id   A
#
# COMPACT_ATOMS: atom_id res chain seq x y z
N LEU A 1 -8.22 11.02 2.47
CA LEU A 1 -7.07 10.10 2.58
C LEU A 1 -5.80 10.78 2.11
N PRO A 2 -4.65 10.37 2.68
CA PRO A 2 -3.30 10.90 2.37
C PRO A 2 -3.11 11.36 0.92
N ARG A 3 -2.79 10.41 0.02
CA ARG A 3 -2.54 10.77 -1.37
C ARG A 3 -2.65 9.56 -2.32
N ASP A 4 -1.94 8.49 -2.00
CA ASP A 4 -1.91 7.31 -2.87
C ASP A 4 -2.65 6.14 -2.22
N THR A 5 -3.12 6.34 -1.00
CA THR A 5 -3.88 5.32 -0.29
C THR A 5 -5.11 4.88 -1.08
N SER A 6 -5.88 5.86 -1.54
CA SER A 6 -7.11 5.60 -2.29
C SER A 6 -6.79 4.90 -3.61
N ARG A 7 -5.59 5.14 -4.11
CA ARG A 7 -5.14 4.54 -5.35
C ARG A 7 -5.01 3.03 -5.21
N CYS A 8 -4.31 2.60 -4.18
CA CYS A 8 -4.03 1.19 -3.96
C CYS A 8 -5.26 0.44 -3.47
N VAL A 9 -6.06 1.07 -2.62
CA VAL A 9 -7.27 0.44 -2.10
C VAL A 9 -8.33 0.39 -3.19
N GLY A 10 -8.11 1.17 -4.24
CA GLY A 10 -8.94 1.08 -5.43
C GLY A 10 -8.73 -0.24 -6.14
N TYR A 11 -7.62 -0.90 -5.81
CA TYR A 11 -7.35 -2.24 -6.28
C TYR A 11 -7.94 -3.25 -5.30
N HIS A 12 -7.09 -4.08 -4.69
CA HIS A 12 -7.54 -5.08 -3.72
C HIS A 12 -6.40 -5.40 -2.76
N GLY A 13 -6.51 -4.95 -1.54
CA GLY A 13 -5.48 -5.21 -0.56
C GLY A 13 -5.54 -4.23 0.58
N TYR A 14 -4.39 -3.74 1.02
CA TYR A 14 -4.34 -2.83 2.15
C TYR A 14 -2.98 -2.16 2.28
N CYS A 15 -2.90 -1.20 3.19
CA CYS A 15 -1.70 -0.40 3.38
C CYS A 15 -1.06 -0.72 4.72
N ILE A 16 0.25 -0.92 4.73
CA ILE A 16 0.97 -1.23 5.96
C ILE A 16 2.12 -0.28 6.18
N ARG A 17 2.52 -0.14 7.42
CA ARG A 17 3.73 0.58 7.76
C ARG A 17 4.92 -0.39 7.78
N SER A 18 5.46 -0.63 6.59
CA SER A 18 6.58 -1.54 6.40
C SER A 18 6.90 -1.58 4.92
N LYS A 19 8.15 -1.88 4.58
CA LYS A 19 8.55 -1.92 3.17
C LYS A 19 8.57 -3.36 2.67
N VAL A 20 8.16 -4.29 3.52
CA VAL A 20 8.04 -5.68 3.12
C VAL A 20 6.61 -6.18 3.36
N CYS A 21 5.90 -6.39 2.27
CA CYS A 21 4.51 -6.82 2.32
C CYS A 21 4.41 -8.32 2.60
N PRO A 22 3.51 -8.70 3.51
CA PRO A 22 3.21 -10.10 3.78
C PRO A 22 2.61 -10.79 2.57
N LYS A 23 2.92 -12.07 2.39
CA LYS A 23 2.45 -12.79 1.23
C LYS A 23 1.10 -13.45 1.48
N PRO A 24 0.31 -13.61 0.42
CA PRO A 24 0.70 -13.15 -0.91
C PRO A 24 0.23 -11.71 -1.18
N PHE A 25 1.19 -10.81 -1.30
CA PHE A 25 0.95 -9.43 -1.68
C PHE A 25 2.21 -8.86 -2.30
N ALA A 26 2.04 -7.81 -3.10
CA ALA A 26 3.17 -7.16 -3.74
C ALA A 26 3.28 -5.72 -3.28
N ALA A 27 4.51 -5.22 -3.22
CA ALA A 27 4.77 -3.85 -2.83
C ALA A 27 4.38 -2.89 -3.94
N PHE A 28 3.13 -2.46 -3.91
CA PHE A 28 2.58 -1.58 -4.92
C PHE A 28 2.94 -0.13 -4.58
N GLY A 29 4.08 0.32 -5.08
CA GLY A 29 4.48 1.72 -4.94
C GLY A 29 4.47 2.18 -3.49
N THR A 30 3.69 3.20 -3.22
CA THR A 30 3.58 3.78 -1.89
C THR A 30 2.16 4.17 -1.56
N CYS A 31 1.79 3.87 -0.33
CA CYS A 31 0.53 4.28 0.24
C CYS A 31 0.73 5.59 0.95
N SER A 32 -0.20 5.93 1.85
CA SER A 32 -0.20 7.19 2.58
C SER A 32 1.17 7.86 2.63
N TRP A 33 1.30 8.94 1.86
CA TRP A 33 2.53 9.71 1.74
C TRP A 33 3.66 8.84 1.20
N ARG A 34 4.74 8.70 1.94
CA ARG A 34 5.79 7.75 1.56
C ARG A 34 6.16 6.88 2.75
N GLN A 35 5.20 6.74 3.65
CA GLN A 35 5.42 6.05 4.90
C GLN A 35 4.92 4.62 4.84
N LYS A 36 3.79 4.44 4.18
CA LYS A 36 3.18 3.13 4.11
C LYS A 36 3.34 2.56 2.71
N THR A 37 3.51 1.26 2.62
CA THR A 37 3.61 0.59 1.33
C THR A 37 2.28 -0.07 1.00
N CYS A 38 1.90 -0.09 -0.27
CA CYS A 38 0.65 -0.70 -0.67
C CYS A 38 0.82 -2.19 -0.88
N CYS A 39 -0.01 -2.98 -0.24
CA CYS A 39 0.05 -4.42 -0.38
C CYS A 39 -1.18 -4.92 -1.12
N VAL A 40 -0.98 -5.34 -2.36
CA VAL A 40 -2.05 -5.86 -3.20
C VAL A 40 -1.58 -7.10 -3.95
N LEU A 1 -8.43 11.22 1.22
CA LEU A 1 -7.38 10.24 1.61
C LEU A 1 -6.00 10.81 1.31
N PRO A 2 -4.97 10.32 2.03
CA PRO A 2 -3.57 10.77 1.90
C PRO A 2 -3.14 11.12 0.47
N ARG A 3 -2.78 10.10 -0.33
CA ARG A 3 -2.27 10.35 -1.67
C ARG A 3 -2.37 9.10 -2.54
N ASP A 4 -1.93 7.96 -2.01
CA ASP A 4 -1.91 6.72 -2.79
C ASP A 4 -2.78 5.65 -2.15
N THR A 5 -3.37 5.98 -1.01
CA THR A 5 -4.26 5.06 -0.30
C THR A 5 -5.42 4.60 -1.18
N SER A 6 -6.16 5.57 -1.72
CA SER A 6 -7.33 5.27 -2.55
C SER A 6 -6.90 4.56 -3.83
N ARG A 7 -5.67 4.81 -4.25
CA ARG A 7 -5.08 4.12 -5.40
C ARG A 7 -4.92 2.64 -5.09
N CYS A 8 -4.50 2.36 -3.86
CA CYS A 8 -4.26 1.01 -3.41
C CYS A 8 -5.58 0.24 -3.28
N VAL A 9 -6.59 0.92 -2.73
CA VAL A 9 -7.91 0.31 -2.58
C VAL A 9 -8.61 0.27 -3.93
N GLY A 10 -8.15 1.13 -4.83
CA GLY A 10 -8.61 1.08 -6.21
C GLY A 10 -8.36 -0.28 -6.80
N TYR A 11 -7.27 -0.90 -6.37
CA TYR A 11 -7.02 -2.30 -6.67
C TYR A 11 -7.70 -3.15 -5.61
N HIS A 12 -6.93 -3.91 -4.84
CA HIS A 12 -7.47 -4.73 -3.74
C HIS A 12 -6.36 -5.01 -2.74
N GLY A 13 -6.41 -4.36 -1.59
CA GLY A 13 -5.37 -4.59 -0.60
C GLY A 13 -5.44 -3.63 0.57
N TYR A 14 -4.28 -3.23 1.08
CA TYR A 14 -4.23 -2.39 2.27
C TYR A 14 -2.86 -1.75 2.44
N CYS A 15 -2.75 -0.89 3.45
CA CYS A 15 -1.55 -0.11 3.69
C CYS A 15 -0.75 -0.62 4.88
N ILE A 16 0.56 -0.73 4.74
CA ILE A 16 1.40 -1.14 5.86
C ILE A 16 2.58 -0.19 6.01
N ARG A 17 3.06 -0.06 7.24
CA ARG A 17 4.31 0.63 7.49
C ARG A 17 5.47 -0.36 7.42
N SER A 18 5.95 -0.60 6.21
CA SER A 18 7.03 -1.54 5.95
C SER A 18 7.25 -1.62 4.45
N LYS A 19 8.47 -1.93 4.03
CA LYS A 19 8.74 -2.15 2.62
C LYS A 19 8.69 -3.64 2.29
N VAL A 20 8.19 -4.42 3.25
CA VAL A 20 8.08 -5.86 3.08
C VAL A 20 6.64 -6.30 3.26
N CYS A 21 5.97 -6.59 2.16
CA CYS A 21 4.59 -7.04 2.19
C CYS A 21 4.52 -8.55 2.46
N PRO A 22 3.53 -8.97 3.26
CA PRO A 22 3.28 -10.38 3.52
C PRO A 22 2.64 -11.05 2.32
N LYS A 23 2.83 -12.35 2.18
CA LYS A 23 2.32 -13.06 1.02
C LYS A 23 0.97 -13.69 1.30
N PRO A 24 0.13 -13.78 0.27
CA PRO A 24 0.46 -13.25 -1.05
C PRO A 24 -0.02 -11.80 -1.25
N PHE A 25 0.94 -10.89 -1.37
CA PHE A 25 0.67 -9.50 -1.68
C PHE A 25 1.89 -8.90 -2.37
N ALA A 26 1.68 -7.82 -3.10
CA ALA A 26 2.77 -7.15 -3.79
C ALA A 26 2.98 -5.76 -3.22
N ALA A 27 4.25 -5.38 -3.07
CA ALA A 27 4.60 -4.06 -2.57
C ALA A 27 4.32 -3.01 -3.66
N PHE A 28 3.10 -2.49 -3.62
CA PHE A 28 2.65 -1.53 -4.62
C PHE A 28 3.10 -0.14 -4.24
N GLY A 29 4.30 0.24 -4.71
CA GLY A 29 4.82 1.58 -4.53
C GLY A 29 4.65 2.10 -3.13
N THR A 30 3.68 2.99 -2.97
CA THR A 30 3.43 3.64 -1.71
C THR A 30 1.94 3.71 -1.41
N CYS A 31 1.64 3.85 -0.15
CA CYS A 31 0.29 4.05 0.35
C CYS A 31 0.22 5.42 0.96
N SER A 32 -0.74 5.64 1.86
CA SER A 32 -0.82 6.87 2.64
C SER A 32 0.57 7.45 2.92
N TRP A 33 0.89 8.52 2.20
CA TRP A 33 2.19 9.19 2.29
C TRP A 33 3.35 8.24 2.00
N ARG A 34 4.54 8.79 1.85
CA ARG A 34 5.73 7.99 1.53
C ARG A 34 6.23 7.25 2.76
N GLN A 35 5.33 7.01 3.70
CA GLN A 35 5.64 6.35 4.95
C GLN A 35 5.16 4.92 4.92
N LYS A 36 4.08 4.69 4.20
CA LYS A 36 3.47 3.38 4.15
C LYS A 36 3.56 2.81 2.74
N THR A 37 3.73 1.51 2.64
CA THR A 37 3.73 0.82 1.37
C THR A 37 2.37 0.16 1.16
N CYS A 38 1.94 0.08 -0.09
CA CYS A 38 0.70 -0.58 -0.42
C CYS A 38 0.93 -2.07 -0.64
N CYS A 39 0.02 -2.88 -0.17
CA CYS A 39 0.11 -4.31 -0.38
C CYS A 39 -1.12 -4.82 -1.13
N VAL A 40 -0.92 -5.20 -2.37
CA VAL A 40 -1.99 -5.72 -3.21
C VAL A 40 -1.52 -6.97 -3.96
N LEU A 1 -8.09 11.53 2.03
CA LEU A 1 -7.04 10.55 2.39
C LEU A 1 -5.68 11.06 1.98
N PRO A 2 -4.62 10.63 2.70
CA PRO A 2 -3.21 11.00 2.47
C PRO A 2 -2.88 11.40 1.03
N ARG A 3 -2.66 10.42 0.16
CA ARG A 3 -2.32 10.69 -1.22
C ARG A 3 -2.54 9.48 -2.13
N ASP A 4 -1.99 8.34 -1.73
CA ASP A 4 -2.05 7.14 -2.55
C ASP A 4 -2.94 6.07 -1.94
N THR A 5 -3.51 6.37 -0.78
CA THR A 5 -4.45 5.47 -0.13
C THR A 5 -5.59 5.10 -1.08
N SER A 6 -6.25 6.11 -1.62
CA SER A 6 -7.37 5.91 -2.53
C SER A 6 -6.93 5.17 -3.78
N ARG A 7 -5.68 5.38 -4.16
CA ARG A 7 -5.08 4.70 -5.29
C ARG A 7 -5.00 3.21 -5.01
N CYS A 8 -4.43 2.87 -3.86
CA CYS A 8 -4.25 1.47 -3.47
C CYS A 8 -5.57 0.75 -3.30
N VAL A 9 -6.55 1.42 -2.70
CA VAL A 9 -7.85 0.81 -2.46
C VAL A 9 -8.68 0.84 -3.74
N GLY A 10 -8.17 1.54 -4.75
CA GLY A 10 -8.76 1.43 -6.08
C GLY A 10 -8.47 0.06 -6.66
N TYR A 11 -7.46 -0.58 -6.11
CA TYR A 11 -7.14 -1.96 -6.44
C TYR A 11 -7.80 -2.88 -5.41
N HIS A 12 -7.02 -3.75 -4.79
CA HIS A 12 -7.56 -4.73 -3.83
C HIS A 12 -6.47 -5.14 -2.87
N GLY A 13 -6.54 -4.67 -1.63
CA GLY A 13 -5.53 -5.01 -0.66
C GLY A 13 -5.61 -4.13 0.57
N TYR A 14 -4.45 -3.63 1.02
CA TYR A 14 -4.40 -2.80 2.20
C TYR A 14 -3.08 -2.05 2.30
N CYS A 15 -3.00 -1.17 3.29
CA CYS A 15 -1.85 -0.28 3.45
C CYS A 15 -1.13 -0.55 4.75
N ILE A 16 0.16 -0.84 4.68
CA ILE A 16 0.95 -1.13 5.86
C ILE A 16 1.99 -0.05 6.07
N ARG A 17 2.34 0.23 7.31
CA ARG A 17 3.42 1.13 7.60
C ARG A 17 4.74 0.37 7.67
N SER A 18 5.28 0.10 6.49
CA SER A 18 6.49 -0.69 6.29
C SER A 18 6.74 -0.75 4.79
N LYS A 19 7.83 -1.40 4.40
CA LYS A 19 8.09 -1.63 2.98
C LYS A 19 8.36 -3.10 2.73
N VAL A 20 7.75 -3.93 3.56
CA VAL A 20 7.84 -5.38 3.43
C VAL A 20 6.45 -5.99 3.49
N CYS A 21 5.92 -6.34 2.33
CA CYS A 21 4.59 -6.90 2.24
C CYS A 21 4.60 -8.41 2.41
N PRO A 22 3.79 -8.91 3.35
CA PRO A 22 3.66 -10.34 3.59
C PRO A 22 2.93 -11.04 2.45
N LYS A 23 3.28 -12.29 2.21
CA LYS A 23 2.67 -13.06 1.16
C LYS A 23 1.27 -13.56 1.54
N PRO A 24 0.41 -13.72 0.55
CA PRO A 24 0.73 -13.31 -0.81
C PRO A 24 0.28 -11.87 -1.10
N PHE A 25 1.24 -10.98 -1.28
CA PHE A 25 0.98 -9.59 -1.65
C PHE A 25 2.22 -9.00 -2.29
N ALA A 26 2.04 -7.95 -3.06
CA ALA A 26 3.15 -7.30 -3.72
C ALA A 26 3.34 -5.89 -3.18
N ALA A 27 4.60 -5.45 -3.11
CA ALA A 27 4.91 -4.10 -2.67
C ALA A 27 4.52 -3.09 -3.75
N PHE A 28 3.28 -2.63 -3.69
CA PHE A 28 2.73 -1.74 -4.68
C PHE A 28 3.08 -0.29 -4.35
N GLY A 29 4.22 0.16 -4.87
CA GLY A 29 4.62 1.55 -4.73
C GLY A 29 4.48 2.07 -3.32
N THR A 30 3.59 3.04 -3.15
CA THR A 30 3.37 3.66 -1.85
C THR A 30 1.89 3.87 -1.59
N CYS A 31 1.56 3.85 -0.31
CA CYS A 31 0.25 4.18 0.20
C CYS A 31 0.32 5.55 0.82
N SER A 32 -0.60 5.84 1.74
CA SER A 32 -0.54 7.04 2.55
C SER A 32 0.89 7.48 2.81
N TRP A 33 1.29 8.54 2.10
CA TRP A 33 2.65 9.09 2.14
C TRP A 33 3.69 8.02 1.79
N ARG A 34 4.94 8.44 1.59
CA ARG A 34 6.00 7.51 1.18
C ARG A 34 6.42 6.61 2.35
N GLN A 35 5.60 6.58 3.38
CA GLN A 35 5.87 5.83 4.58
C GLN A 35 5.24 4.46 4.49
N LYS A 36 3.98 4.43 4.08
CA LYS A 36 3.25 3.18 4.00
C LYS A 36 3.35 2.63 2.58
N THR A 37 3.52 1.33 2.49
CA THR A 37 3.54 0.66 1.20
C THR A 37 2.21 -0.03 0.96
N CYS A 38 1.77 -0.07 -0.29
CA CYS A 38 0.53 -0.73 -0.64
C CYS A 38 0.78 -2.22 -0.84
N CYS A 39 -0.08 -3.03 -0.27
CA CYS A 39 0.01 -4.47 -0.44
C CYS A 39 -1.21 -5.00 -1.17
N VAL A 40 -1.01 -5.41 -2.42
CA VAL A 40 -2.10 -5.91 -3.25
C VAL A 40 -1.66 -7.15 -4.02
N LEU A 1 -7.86 12.25 1.54
CA LEU A 1 -6.94 11.11 1.75
C LEU A 1 -5.49 11.58 1.63
N PRO A 2 -4.56 10.83 2.24
CA PRO A 2 -3.11 11.10 2.15
C PRO A 2 -2.64 11.47 0.75
N ARG A 3 -2.47 10.47 -0.11
CA ARG A 3 -1.99 10.72 -1.48
C ARG A 3 -2.32 9.55 -2.41
N ASP A 4 -2.00 8.33 -1.97
CA ASP A 4 -2.13 7.16 -2.83
C ASP A 4 -2.97 6.06 -2.20
N THR A 5 -3.41 6.29 -0.97
CA THR A 5 -4.21 5.31 -0.23
C THR A 5 -5.34 4.71 -1.06
N SER A 6 -6.29 5.56 -1.46
CA SER A 6 -7.48 5.10 -2.17
C SER A 6 -7.11 4.48 -3.51
N ARG A 7 -5.97 4.90 -4.06
CA ARG A 7 -5.47 4.37 -5.32
C ARG A 7 -5.17 2.89 -5.17
N CYS A 8 -4.42 2.53 -4.14
CA CYS A 8 -4.00 1.16 -3.93
C CYS A 8 -5.15 0.28 -3.45
N VAL A 9 -5.97 0.79 -2.54
CA VAL A 9 -7.09 0.01 -2.01
C VAL A 9 -8.17 -0.12 -3.08
N GLY A 10 -8.13 0.77 -4.05
CA GLY A 10 -9.02 0.68 -5.20
C GLY A 10 -8.80 -0.60 -5.98
N TYR A 11 -7.58 -1.13 -5.89
CA TYR A 11 -7.28 -2.42 -6.49
C TYR A 11 -7.80 -3.54 -5.58
N HIS A 12 -6.90 -4.24 -4.90
CA HIS A 12 -7.30 -5.27 -3.93
C HIS A 12 -6.21 -5.43 -2.88
N GLY A 13 -6.44 -4.94 -1.67
CA GLY A 13 -5.46 -5.10 -0.63
C GLY A 13 -5.55 -4.02 0.44
N TYR A 14 -4.41 -3.59 0.96
CA TYR A 14 -4.40 -2.63 2.06
C TYR A 14 -3.04 -1.96 2.19
N CYS A 15 -2.94 -1.07 3.17
CA CYS A 15 -1.75 -0.27 3.39
C CYS A 15 -1.03 -0.71 4.66
N ILE A 16 0.29 -0.83 4.59
CA ILE A 16 1.06 -1.28 5.74
C ILE A 16 2.25 -0.35 5.99
N ARG A 17 2.65 -0.23 7.24
CA ARG A 17 3.89 0.46 7.57
C ARG A 17 5.04 -0.52 7.60
N SER A 18 5.61 -0.76 6.42
CA SER A 18 6.72 -1.68 6.22
C SER A 18 7.06 -1.70 4.73
N LYS A 19 8.32 -1.94 4.40
CA LYS A 19 8.72 -2.01 3.01
C LYS A 19 8.66 -3.46 2.50
N VAL A 20 8.30 -4.35 3.40
CA VAL A 20 8.16 -5.76 3.06
C VAL A 20 6.71 -6.19 3.20
N CYS A 21 6.06 -6.43 2.08
CA CYS A 21 4.67 -6.83 2.08
C CYS A 21 4.52 -8.32 2.36
N PRO A 22 3.65 -8.67 3.33
CA PRO A 22 3.39 -10.06 3.71
C PRO A 22 2.77 -10.84 2.56
N LYS A 23 3.05 -12.13 2.49
CA LYS A 23 2.52 -12.94 1.44
C LYS A 23 1.11 -13.43 1.78
N PRO A 24 0.27 -13.60 0.76
CA PRO A 24 0.60 -13.21 -0.60
C PRO A 24 0.14 -11.79 -0.93
N PHE A 25 1.11 -10.90 -1.18
CA PHE A 25 0.82 -9.52 -1.57
C PHE A 25 2.02 -8.94 -2.30
N ALA A 26 1.76 -7.89 -3.06
CA ALA A 26 2.81 -7.21 -3.80
C ALA A 26 2.97 -5.78 -3.31
N ALA A 27 4.22 -5.34 -3.18
CA ALA A 27 4.52 -3.98 -2.77
C ALA A 27 4.20 -3.02 -3.91
N PHE A 28 3.07 -2.36 -3.81
CA PHE A 28 2.60 -1.44 -4.82
C PHE A 28 2.97 -0.01 -4.44
N GLY A 29 4.09 0.47 -4.98
CA GLY A 29 4.51 1.85 -4.79
C GLY A 29 4.45 2.30 -3.34
N THR A 30 3.64 3.31 -3.09
CA THR A 30 3.51 3.89 -1.77
C THR A 30 2.08 4.25 -1.46
N CYS A 31 1.68 3.95 -0.23
CA CYS A 31 0.37 4.29 0.28
C CYS A 31 0.41 5.66 0.91
N SER A 32 -0.53 5.94 1.81
CA SER A 32 -0.50 7.15 2.59
C SER A 32 0.93 7.57 2.91
N TRP A 33 1.40 8.59 2.19
CA TRP A 33 2.77 9.09 2.31
C TRP A 33 3.80 7.98 2.09
N ARG A 34 5.08 8.35 2.03
CA ARG A 34 6.13 7.35 1.82
C ARG A 34 6.44 6.60 3.12
N GLN A 35 5.44 6.55 3.99
CA GLN A 35 5.57 5.91 5.29
C GLN A 35 4.93 4.53 5.25
N LYS A 36 3.93 4.40 4.40
CA LYS A 36 3.19 3.16 4.27
C LYS A 36 3.34 2.63 2.84
N THR A 37 3.53 1.34 2.71
CA THR A 37 3.61 0.70 1.40
C THR A 37 2.28 0.03 1.10
N CYS A 38 1.89 0.03 -0.17
CA CYS A 38 0.65 -0.61 -0.57
C CYS A 38 0.87 -2.09 -0.80
N CYS A 39 -0.03 -2.91 -0.29
CA CYS A 39 0.06 -4.34 -0.48
C CYS A 39 -1.16 -4.86 -1.23
N VAL A 40 -0.94 -5.26 -2.47
CA VAL A 40 -2.01 -5.75 -3.32
C VAL A 40 -1.58 -6.97 -4.13
N LEU A 1 -7.87 12.19 1.18
CA LEU A 1 -6.98 11.02 1.33
C LEU A 1 -5.52 11.45 1.25
N PRO A 2 -4.62 10.78 1.99
CA PRO A 2 -3.19 11.07 2.02
C PRO A 2 -2.60 11.44 0.65
N ARG A 3 -2.35 10.44 -0.18
CA ARG A 3 -1.81 10.67 -1.52
C ARG A 3 -2.04 9.45 -2.42
N ASP A 4 -1.74 8.26 -1.92
CA ASP A 4 -1.81 7.05 -2.74
C ASP A 4 -2.79 6.02 -2.18
N THR A 5 -3.37 6.34 -1.03
CA THR A 5 -4.36 5.47 -0.40
C THR A 5 -5.47 5.02 -1.38
N SER A 6 -6.14 5.98 -1.99
CA SER A 6 -7.28 5.68 -2.86
C SER A 6 -6.83 4.96 -4.13
N ARG A 7 -5.57 5.16 -4.50
CA ARG A 7 -4.99 4.45 -5.63
C ARG A 7 -4.81 2.97 -5.28
N CYS A 8 -4.35 2.72 -4.06
CA CYS A 8 -4.09 1.37 -3.61
C CYS A 8 -5.38 0.59 -3.38
N VAL A 9 -6.36 1.24 -2.76
CA VAL A 9 -7.62 0.57 -2.44
C VAL A 9 -8.51 0.49 -3.67
N GLY A 10 -8.10 1.19 -4.72
CA GLY A 10 -8.75 1.04 -6.01
C GLY A 10 -8.51 -0.35 -6.57
N TYR A 11 -7.46 -1.00 -6.08
CA TYR A 11 -7.18 -2.38 -6.44
C TYR A 11 -7.79 -3.32 -5.40
N HIS A 12 -6.96 -4.08 -4.68
CA HIS A 12 -7.44 -5.04 -3.68
C HIS A 12 -6.32 -5.34 -2.70
N GLY A 13 -6.42 -4.81 -1.49
CA GLY A 13 -5.39 -5.04 -0.50
C GLY A 13 -5.47 -4.06 0.65
N TYR A 14 -4.31 -3.59 1.12
CA TYR A 14 -4.28 -2.68 2.25
C TYR A 14 -2.91 -2.01 2.39
N CYS A 15 -2.82 -1.10 3.33
CA CYS A 15 -1.61 -0.31 3.56
C CYS A 15 -0.88 -0.80 4.80
N ILE A 16 0.44 -0.91 4.71
CA ILE A 16 1.25 -1.30 5.87
C ILE A 16 2.41 -0.34 6.07
N ARG A 17 2.82 -0.16 7.31
CA ARG A 17 4.04 0.59 7.60
C ARG A 17 5.23 -0.36 7.61
N SER A 18 5.76 -0.60 6.42
CA SER A 18 6.91 -1.48 6.22
C SER A 18 7.22 -1.52 4.73
N LYS A 19 8.41 -1.97 4.38
CA LYS A 19 8.79 -2.08 2.99
C LYS A 19 8.80 -3.54 2.55
N VAL A 20 8.30 -4.40 3.41
CA VAL A 20 8.18 -5.83 3.11
C VAL A 20 6.74 -6.28 3.26
N CYS A 21 6.06 -6.49 2.14
CA CYS A 21 4.67 -6.90 2.15
C CYS A 21 4.54 -8.41 2.35
N PRO A 22 3.70 -8.84 3.31
CA PRO A 22 3.45 -10.25 3.57
C PRO A 22 2.70 -10.92 2.41
N LYS A 23 2.93 -12.21 2.22
CA LYS A 23 2.31 -12.91 1.11
C LYS A 23 0.90 -13.41 1.46
N PRO A 24 0.04 -13.52 0.44
CA PRO A 24 0.40 -13.09 -0.90
C PRO A 24 0.00 -11.63 -1.16
N PHE A 25 1.01 -10.78 -1.32
CA PHE A 25 0.82 -9.38 -1.65
C PHE A 25 2.07 -8.83 -2.33
N ALA A 26 1.89 -7.79 -3.11
CA ALA A 26 3.00 -7.15 -3.78
C ALA A 26 3.19 -5.73 -3.26
N ALA A 27 4.45 -5.30 -3.19
CA ALA A 27 4.77 -3.95 -2.76
C ALA A 27 4.39 -2.95 -3.85
N PHE A 28 3.16 -2.47 -3.78
CA PHE A 28 2.63 -1.57 -4.78
C PHE A 28 3.01 -0.13 -4.42
N GLY A 29 4.16 0.30 -4.92
CA GLY A 29 4.61 1.67 -4.76
C GLY A 29 4.49 2.17 -3.35
N THR A 30 3.55 3.08 -3.13
CA THR A 30 3.33 3.69 -1.84
C THR A 30 1.84 3.81 -1.54
N CYS A 31 1.54 3.87 -0.26
CA CYS A 31 0.20 4.12 0.23
C CYS A 31 0.17 5.48 0.88
N SER A 32 -0.79 5.72 1.76
CA SER A 32 -0.81 6.94 2.56
C SER A 32 0.61 7.39 2.92
N TRP A 33 1.06 8.44 2.23
CA TRP A 33 2.41 8.99 2.39
C TRP A 33 3.49 7.93 2.12
N ARG A 34 4.74 8.36 1.98
CA ARG A 34 5.84 7.42 1.73
C ARG A 34 6.23 6.69 3.02
N GLN A 35 5.27 6.58 3.91
CA GLN A 35 5.45 5.95 5.20
C GLN A 35 4.84 4.57 5.18
N LYS A 36 3.82 4.41 4.34
CA LYS A 36 3.13 3.14 4.21
C LYS A 36 3.28 2.64 2.78
N THR A 37 3.51 1.37 2.64
CA THR A 37 3.59 0.75 1.32
C THR A 37 2.26 0.07 1.02
N CYS A 38 1.85 0.08 -0.23
CA CYS A 38 0.62 -0.58 -0.61
C CYS A 38 0.86 -2.07 -0.81
N CYS A 39 0.00 -2.88 -0.24
CA CYS A 39 0.10 -4.32 -0.40
C CYS A 39 -1.15 -4.85 -1.08
N VAL A 40 -0.98 -5.33 -2.30
CA VAL A 40 -2.09 -5.86 -3.07
C VAL A 40 -1.71 -7.18 -3.73
N LEU A 1 -8.02 11.75 1.84
CA LEU A 1 -7.03 10.66 2.02
C LEU A 1 -5.63 11.21 1.79
N PRO A 2 -4.62 10.61 2.46
CA PRO A 2 -3.20 10.97 2.33
C PRO A 2 -2.80 11.38 0.91
N ARG A 3 -2.55 10.40 0.05
CA ARG A 3 -2.19 10.68 -1.34
C ARG A 3 -2.36 9.45 -2.22
N ASP A 4 -1.77 8.34 -1.82
CA ASP A 4 -1.77 7.12 -2.64
C ASP A 4 -2.77 6.09 -2.14
N THR A 5 -3.31 6.32 -0.96
CA THR A 5 -4.32 5.44 -0.37
C THR A 5 -5.42 5.06 -1.39
N SER A 6 -6.01 6.07 -2.02
CA SER A 6 -7.08 5.86 -2.98
C SER A 6 -6.62 4.98 -4.13
N ARG A 7 -5.39 5.21 -4.57
CA ARG A 7 -4.81 4.44 -5.66
C ARG A 7 -4.71 2.97 -5.26
N CYS A 8 -4.27 2.72 -4.04
CA CYS A 8 -4.10 1.36 -3.54
C CYS A 8 -5.43 0.64 -3.36
N VAL A 9 -6.41 1.35 -2.81
CA VAL A 9 -7.69 0.75 -2.49
C VAL A 9 -8.56 0.61 -3.74
N GLY A 10 -8.20 1.33 -4.79
CA GLY A 10 -8.85 1.16 -6.07
C GLY A 10 -8.59 -0.23 -6.63
N TYR A 11 -7.52 -0.85 -6.15
CA TYR A 11 -7.22 -2.24 -6.48
C TYR A 11 -7.88 -3.16 -5.45
N HIS A 12 -7.07 -3.90 -4.71
CA HIS A 12 -7.57 -4.81 -3.67
C HIS A 12 -6.43 -5.12 -2.71
N GLY A 13 -6.49 -4.57 -1.52
CA GLY A 13 -5.43 -4.79 -0.57
C GLY A 13 -5.52 -3.89 0.63
N TYR A 14 -4.39 -3.37 1.07
CA TYR A 14 -4.36 -2.53 2.27
C TYR A 14 -3.02 -1.87 2.45
N CYS A 15 -2.95 -0.95 3.40
CA CYS A 15 -1.77 -0.15 3.65
C CYS A 15 -1.10 -0.58 4.94
N ILE A 16 0.21 -0.80 4.90
CA ILE A 16 0.95 -1.19 6.09
C ILE A 16 2.11 -0.23 6.34
N ARG A 17 2.50 -0.12 7.59
CA ARG A 17 3.70 0.61 7.93
C ARG A 17 4.93 -0.29 7.81
N SER A 18 5.42 -0.40 6.60
CA SER A 18 6.59 -1.20 6.26
C SER A 18 6.80 -1.12 4.77
N LYS A 19 7.91 -1.65 4.27
CA LYS A 19 8.13 -1.72 2.84
C LYS A 19 8.31 -3.17 2.41
N VAL A 20 8.02 -4.08 3.33
CA VAL A 20 8.04 -5.51 3.04
C VAL A 20 6.64 -6.08 3.21
N CYS A 21 5.99 -6.36 2.09
CA CYS A 21 4.62 -6.83 2.11
C CYS A 21 4.53 -8.33 2.33
N PRO A 22 3.67 -8.74 3.28
CA PRO A 22 3.41 -10.15 3.56
C PRO A 22 2.79 -10.86 2.37
N LYS A 23 2.99 -12.16 2.28
CA LYS A 23 2.52 -12.91 1.13
C LYS A 23 1.17 -13.55 1.38
N PRO A 24 0.37 -13.71 0.31
CA PRO A 24 0.76 -13.22 -1.01
C PRO A 24 0.24 -11.81 -1.28
N PHE A 25 1.19 -10.88 -1.40
CA PHE A 25 0.91 -9.49 -1.72
C PHE A 25 2.14 -8.86 -2.31
N ALA A 26 1.95 -7.87 -3.16
CA ALA A 26 3.05 -7.18 -3.80
C ALA A 26 3.22 -5.79 -3.22
N ALA A 27 4.45 -5.34 -3.11
CA ALA A 27 4.72 -3.99 -2.64
C ALA A 27 4.38 -2.99 -3.72
N PHE A 28 3.13 -2.55 -3.71
CA PHE A 28 2.61 -1.66 -4.72
C PHE A 28 3.00 -0.22 -4.40
N GLY A 29 4.11 0.22 -4.99
CA GLY A 29 4.54 1.60 -4.88
C GLY A 29 4.50 2.13 -3.46
N THR A 30 3.52 2.97 -3.20
CA THR A 30 3.36 3.56 -1.88
C THR A 30 1.88 3.72 -1.54
N CYS A 31 1.61 3.79 -0.27
CA CYS A 31 0.29 4.03 0.28
C CYS A 31 0.26 5.42 0.88
N SER A 32 -0.67 5.66 1.78
CA SER A 32 -0.69 6.86 2.59
C SER A 32 0.72 7.37 2.87
N TRP A 33 1.08 8.46 2.16
CA TRP A 33 2.43 9.05 2.22
C TRP A 33 3.51 8.02 1.85
N ARG A 34 4.73 8.50 1.63
CA ARG A 34 5.83 7.62 1.26
C ARG A 34 6.34 6.85 2.47
N GLN A 35 5.46 6.68 3.44
CA GLN A 35 5.78 6.02 4.69
C GLN A 35 5.21 4.61 4.70
N LYS A 36 3.99 4.47 4.21
CA LYS A 36 3.33 3.18 4.18
C LYS A 36 3.35 2.64 2.76
N THR A 37 3.59 1.34 2.63
CA THR A 37 3.60 0.71 1.32
C THR A 37 2.28 -0.01 1.08
N CYS A 38 1.84 -0.05 -0.17
CA CYS A 38 0.59 -0.72 -0.51
C CYS A 38 0.83 -2.21 -0.71
N CYS A 39 -0.04 -3.02 -0.16
CA CYS A 39 0.07 -4.45 -0.32
C CYS A 39 -1.16 -5.00 -1.05
N VAL A 40 -0.97 -5.42 -2.28
CA VAL A 40 -2.03 -5.96 -3.10
C VAL A 40 -1.58 -7.23 -3.80
N LEU A 1 -8.49 11.01 2.27
CA LEU A 1 -7.38 10.04 2.42
C LEU A 1 -6.03 10.72 2.17
N PRO A 2 -4.95 10.18 2.75
CA PRO A 2 -3.58 10.71 2.60
C PRO A 2 -3.23 11.15 1.18
N ARG A 3 -2.91 10.19 0.32
CA ARG A 3 -2.47 10.49 -1.03
C ARG A 3 -2.63 9.26 -1.94
N ASP A 4 -1.71 8.31 -1.80
CA ASP A 4 -1.72 7.10 -2.62
C ASP A 4 -2.63 6.04 -2.02
N THR A 5 -3.19 6.33 -0.86
CA THR A 5 -4.13 5.42 -0.22
C THR A 5 -5.32 5.12 -1.13
N SER A 6 -5.93 6.17 -1.66
CA SER A 6 -7.10 6.03 -2.53
C SER A 6 -6.73 5.24 -3.78
N ARG A 7 -5.49 5.40 -4.20
CA ARG A 7 -4.94 4.68 -5.34
C ARG A 7 -4.85 3.18 -5.02
N CYS A 8 -4.25 2.88 -3.87
CA CYS A 8 -4.06 1.50 -3.45
C CYS A 8 -5.40 0.78 -3.22
N VAL A 9 -6.35 1.47 -2.61
CA VAL A 9 -7.64 0.87 -2.30
C VAL A 9 -8.51 0.85 -3.55
N GLY A 10 -8.10 1.57 -4.57
CA GLY A 10 -8.72 1.48 -5.87
C GLY A 10 -8.52 0.10 -6.46
N TYR A 11 -7.49 -0.58 -6.00
CA TYR A 11 -7.23 -1.96 -6.37
C TYR A 11 -7.89 -2.89 -5.36
N HIS A 12 -7.10 -3.74 -4.71
CA HIS A 12 -7.62 -4.73 -3.77
C HIS A 12 -6.52 -5.13 -2.80
N GLY A 13 -6.61 -4.67 -1.57
CA GLY A 13 -5.61 -5.00 -0.59
C GLY A 13 -5.62 -4.05 0.58
N TYR A 14 -4.45 -3.65 1.03
CA TYR A 14 -4.36 -2.76 2.19
C TYR A 14 -2.99 -2.14 2.30
N CYS A 15 -2.90 -1.17 3.19
CA CYS A 15 -1.69 -0.39 3.37
C CYS A 15 -1.01 -0.73 4.69
N ILE A 16 0.29 -0.95 4.65
CA ILE A 16 1.03 -1.25 5.86
C ILE A 16 2.18 -0.28 6.05
N ARG A 17 2.54 -0.04 7.30
CA ARG A 17 3.75 0.69 7.59
C ARG A 17 4.92 -0.26 7.71
N SER A 18 5.48 -0.61 6.56
CA SER A 18 6.61 -1.52 6.43
C SER A 18 6.98 -1.57 4.95
N LYS A 19 8.24 -1.85 4.65
CA LYS A 19 8.69 -1.89 3.26
C LYS A 19 8.64 -3.30 2.69
N VAL A 20 8.40 -4.28 3.56
CA VAL A 20 8.26 -5.66 3.13
C VAL A 20 6.81 -6.10 3.29
N CYS A 21 6.20 -6.49 2.18
CA CYS A 21 4.80 -6.92 2.18
C CYS A 21 4.69 -8.42 2.48
N PRO A 22 3.72 -8.80 3.31
CA PRO A 22 3.43 -10.20 3.61
C PRO A 22 2.82 -10.91 2.41
N LYS A 23 2.94 -12.23 2.37
CA LYS A 23 2.37 -13.00 1.29
C LYS A 23 0.92 -13.36 1.58
N PRO A 24 0.09 -13.48 0.54
CA PRO A 24 0.50 -13.19 -0.82
C PRO A 24 0.12 -11.78 -1.22
N PHE A 25 1.11 -10.93 -1.38
CA PHE A 25 0.90 -9.54 -1.72
C PHE A 25 2.15 -8.97 -2.38
N ALA A 26 1.97 -7.92 -3.15
CA ALA A 26 3.08 -7.26 -3.82
C ALA A 26 3.25 -5.86 -3.27
N ALA A 27 4.51 -5.43 -3.12
CA ALA A 27 4.80 -4.08 -2.69
C ALA A 27 4.45 -3.10 -3.79
N PHE A 28 3.21 -2.64 -3.75
CA PHE A 28 2.68 -1.74 -4.75
C PHE A 28 3.09 -0.32 -4.43
N GLY A 29 4.21 0.12 -5.00
CA GLY A 29 4.66 1.48 -4.87
C GLY A 29 4.60 2.01 -3.47
N THR A 30 3.61 2.86 -3.22
CA THR A 30 3.46 3.51 -1.93
C THR A 30 1.99 3.73 -1.59
N CYS A 31 1.76 3.81 -0.31
CA CYS A 31 0.48 4.21 0.23
C CYS A 31 0.64 5.57 0.87
N SER A 32 -0.27 5.93 1.77
CA SER A 32 -0.31 7.24 2.41
C SER A 32 1.04 7.97 2.37
N TRP A 33 1.08 9.01 1.54
CA TRP A 33 2.27 9.82 1.34
C TRP A 33 3.42 8.98 0.78
N ARG A 34 4.49 8.84 1.54
CA ARG A 34 5.53 7.88 1.22
C ARG A 34 5.87 7.09 2.48
N GLN A 35 4.90 7.03 3.38
CA GLN A 35 5.09 6.44 4.69
C GLN A 35 4.72 4.98 4.70
N LYS A 36 3.61 4.67 4.08
CA LYS A 36 3.10 3.31 4.07
C LYS A 36 3.33 2.68 2.69
N THR A 37 3.50 1.39 2.65
CA THR A 37 3.61 0.66 1.40
C THR A 37 2.28 -0.01 1.08
N CYS A 38 1.91 -0.06 -0.18
CA CYS A 38 0.68 -0.71 -0.58
C CYS A 38 0.91 -2.20 -0.78
N CYS A 39 0.04 -3.01 -0.22
CA CYS A 39 0.13 -4.44 -0.40
C CYS A 39 -1.12 -4.96 -1.08
N VAL A 40 -0.96 -5.38 -2.33
CA VAL A 40 -2.06 -5.91 -3.11
C VAL A 40 -1.62 -7.18 -3.83
N LEU A 1 -8.07 11.37 1.21
CA LEU A 1 -7.06 10.46 1.77
C LEU A 1 -5.66 10.93 1.40
N PRO A 2 -4.64 10.54 2.20
CA PRO A 2 -3.24 10.93 2.05
C PRO A 2 -2.80 11.29 0.61
N ARG A 3 -2.48 10.28 -0.19
CA ARG A 3 -1.97 10.53 -1.54
C ARG A 3 -2.09 9.29 -2.42
N ASP A 4 -1.81 8.12 -1.85
CA ASP A 4 -1.86 6.87 -2.61
C ASP A 4 -2.87 5.90 -2.06
N THR A 5 -3.45 6.22 -0.90
CA THR A 5 -4.44 5.37 -0.27
C THR A 5 -5.59 5.01 -1.23
N SER A 6 -6.25 6.04 -1.75
CA SER A 6 -7.38 5.84 -2.66
C SER A 6 -6.95 5.07 -3.90
N ARG A 7 -5.73 5.34 -4.35
CA ARG A 7 -5.16 4.64 -5.49
C ARG A 7 -5.03 3.15 -5.19
N CYS A 8 -4.44 2.84 -4.05
CA CYS A 8 -4.18 1.46 -3.65
C CYS A 8 -5.47 0.68 -3.40
N VAL A 9 -6.41 1.32 -2.73
CA VAL A 9 -7.66 0.65 -2.35
C VAL A 9 -8.59 0.52 -3.55
N GLY A 10 -8.27 1.25 -4.62
CA GLY A 10 -8.96 1.07 -5.87
C GLY A 10 -8.67 -0.29 -6.48
N TYR A 11 -7.56 -0.88 -6.03
CA TYR A 11 -7.20 -2.23 -6.41
C TYR A 11 -7.81 -3.20 -5.41
N HIS A 12 -6.97 -3.99 -4.74
CA HIS A 12 -7.44 -4.99 -3.78
C HIS A 12 -6.33 -5.28 -2.79
N GLY A 13 -6.47 -4.79 -1.57
CA GLY A 13 -5.46 -5.03 -0.57
C GLY A 13 -5.53 -4.03 0.55
N TYR A 14 -4.38 -3.56 1.03
CA TYR A 14 -4.35 -2.64 2.16
C TYR A 14 -2.98 -2.01 2.33
N CYS A 15 -2.92 -1.06 3.26
CA CYS A 15 -1.71 -0.29 3.51
C CYS A 15 -0.98 -0.83 4.74
N ILE A 16 0.34 -0.93 4.67
CA ILE A 16 1.13 -1.36 5.81
C ILE A 16 2.29 -0.41 6.05
N ARG A 17 2.69 -0.27 7.30
CA ARG A 17 3.89 0.48 7.62
C ARG A 17 5.09 -0.48 7.64
N SER A 18 5.66 -0.69 6.46
CA SER A 18 6.80 -1.57 6.25
C SER A 18 7.28 -1.41 4.82
N LYS A 19 8.44 -1.95 4.50
CA LYS A 19 8.96 -1.91 3.14
C LYS A 19 8.82 -3.29 2.51
N VAL A 20 8.46 -4.27 3.33
CA VAL A 20 8.26 -5.63 2.86
C VAL A 20 6.82 -6.06 3.13
N CYS A 21 6.11 -6.42 2.07
CA CYS A 21 4.71 -6.82 2.17
C CYS A 21 4.58 -8.30 2.49
N PRO A 22 3.62 -8.65 3.37
CA PRO A 22 3.33 -10.03 3.72
C PRO A 22 2.67 -10.77 2.56
N LYS A 23 2.93 -12.06 2.45
CA LYS A 23 2.36 -12.85 1.38
C LYS A 23 0.95 -13.33 1.71
N PRO A 24 0.13 -13.49 0.66
CA PRO A 24 0.50 -13.11 -0.68
C PRO A 24 0.08 -11.68 -1.01
N PHE A 25 1.07 -10.81 -1.20
CA PHE A 25 0.84 -9.42 -1.59
C PHE A 25 2.09 -8.88 -2.26
N ALA A 26 1.91 -7.87 -3.08
CA ALA A 26 3.04 -7.24 -3.78
C ALA A 26 3.25 -5.83 -3.25
N ALA A 27 4.51 -5.41 -3.25
CA ALA A 27 4.85 -4.06 -2.83
C ALA A 27 4.47 -3.06 -3.92
N PHE A 28 3.26 -2.55 -3.82
CA PHE A 28 2.74 -1.62 -4.81
C PHE A 28 3.12 -0.19 -4.43
N GLY A 29 4.28 0.25 -4.91
CA GLY A 29 4.70 1.63 -4.76
C GLY A 29 4.57 2.14 -3.33
N THR A 30 3.53 2.94 -3.11
CA THR A 30 3.30 3.55 -1.82
C THR A 30 1.81 3.64 -1.51
N CYS A 31 1.53 3.80 -0.23
CA CYS A 31 0.20 4.04 0.28
C CYS A 31 0.22 5.40 0.94
N SER A 32 -0.73 5.64 1.85
CA SER A 32 -0.74 6.85 2.66
C SER A 32 0.68 7.36 2.94
N TRP A 33 1.06 8.42 2.23
CA TRP A 33 2.40 9.02 2.33
C TRP A 33 3.51 7.99 2.04
N ARG A 34 4.74 8.48 1.95
CA ARG A 34 5.88 7.60 1.64
C ARG A 34 6.31 6.82 2.89
N GLN A 35 5.37 6.61 3.79
CA GLN A 35 5.62 5.91 5.03
C GLN A 35 5.04 4.51 4.97
N LYS A 36 3.94 4.37 4.25
CA LYS A 36 3.25 3.11 4.15
C LYS A 36 3.36 2.58 2.73
N THR A 37 3.57 1.29 2.59
CA THR A 37 3.63 0.66 1.29
C THR A 37 2.29 0.00 0.98
N CYS A 38 1.86 0.07 -0.27
CA CYS A 38 0.62 -0.57 -0.66
C CYS A 38 0.85 -2.05 -0.88
N CYS A 39 -0.01 -2.86 -0.31
CA CYS A 39 0.09 -4.30 -0.46
C CYS A 39 -1.14 -4.83 -1.15
N VAL A 40 -0.97 -5.30 -2.38
CA VAL A 40 -2.06 -5.82 -3.18
C VAL A 40 -1.65 -7.10 -3.89
N LEU A 1 -8.43 11.40 1.66
CA LEU A 1 -7.46 10.29 1.84
C LEU A 1 -6.04 10.82 1.76
N PRO A 2 -5.11 10.18 2.51
CA PRO A 2 -3.70 10.59 2.59
C PRO A 2 -3.10 11.05 1.27
N ARG A 3 -2.80 10.09 0.40
CA ARG A 3 -2.11 10.37 -0.84
C ARG A 3 -2.31 9.24 -1.84
N ASP A 4 -1.53 8.17 -1.67
CA ASP A 4 -1.57 7.04 -2.59
C ASP A 4 -2.62 6.01 -2.16
N THR A 5 -3.21 6.24 -1.00
CA THR A 5 -4.24 5.37 -0.46
C THR A 5 -5.33 5.07 -1.50
N SER A 6 -5.82 6.12 -2.15
CA SER A 6 -6.91 6.00 -3.10
C SER A 6 -6.52 5.11 -4.27
N ARG A 7 -5.30 5.31 -4.76
CA ARG A 7 -4.77 4.49 -5.83
C ARG A 7 -4.73 3.02 -5.41
N CYS A 8 -4.25 2.79 -4.19
CA CYS A 8 -4.10 1.43 -3.68
C CYS A 8 -5.44 0.74 -3.49
N VAL A 9 -6.42 1.47 -2.96
CA VAL A 9 -7.71 0.90 -2.65
C VAL A 9 -8.57 0.80 -3.91
N GLY A 10 -8.10 1.42 -4.98
CA GLY A 10 -8.71 1.23 -6.28
C GLY A 10 -8.49 -0.17 -6.81
N TYR A 11 -7.51 -0.84 -6.21
CA TYR A 11 -7.24 -2.24 -6.52
C TYR A 11 -7.88 -3.12 -5.44
N HIS A 12 -7.06 -3.86 -4.71
CA HIS A 12 -7.54 -4.77 -3.67
C HIS A 12 -6.42 -5.05 -2.70
N GLY A 13 -6.49 -4.49 -1.51
CA GLY A 13 -5.44 -4.70 -0.53
C GLY A 13 -5.52 -3.70 0.59
N TYR A 14 -4.37 -3.31 1.10
CA TYR A 14 -4.33 -2.44 2.27
C TYR A 14 -2.97 -1.78 2.45
N CYS A 15 -2.90 -0.89 3.42
CA CYS A 15 -1.72 -0.07 3.65
C CYS A 15 -0.99 -0.52 4.90
N ILE A 16 0.28 -0.90 4.75
CA ILE A 16 1.07 -1.37 5.88
C ILE A 16 2.19 -0.39 6.20
N ARG A 17 2.52 -0.29 7.46
CA ARG A 17 3.68 0.48 7.86
C ARG A 17 4.93 -0.40 7.78
N SER A 18 5.47 -0.46 6.56
CA SER A 18 6.66 -1.23 6.26
C SER A 18 6.95 -1.09 4.78
N LYS A 19 8.14 -1.48 4.36
CA LYS A 19 8.47 -1.51 2.95
C LYS A 19 8.59 -2.95 2.48
N VAL A 20 8.20 -3.88 3.35
CA VAL A 20 8.20 -5.30 3.04
C VAL A 20 6.80 -5.87 3.22
N CYS A 21 6.20 -6.33 2.12
CA CYS A 21 4.83 -6.82 2.16
C CYS A 21 4.77 -8.30 2.49
N PRO A 22 3.84 -8.69 3.37
CA PRO A 22 3.58 -10.09 3.69
C PRO A 22 2.85 -10.79 2.56
N LYS A 23 3.09 -12.08 2.40
CA LYS A 23 2.45 -12.84 1.34
C LYS A 23 1.05 -13.31 1.75
N PRO A 24 0.16 -13.45 0.75
CA PRO A 24 0.49 -13.10 -0.62
C PRO A 24 0.11 -11.66 -0.95
N PHE A 25 1.11 -10.82 -1.19
CA PHE A 25 0.91 -9.44 -1.61
C PHE A 25 2.15 -8.92 -2.32
N ALA A 26 1.96 -7.88 -3.11
CA ALA A 26 3.06 -7.23 -3.81
C ALA A 26 3.25 -5.82 -3.30
N ALA A 27 4.50 -5.37 -3.26
CA ALA A 27 4.81 -4.02 -2.83
C ALA A 27 4.42 -3.01 -3.90
N PHE A 28 3.18 -2.56 -3.84
CA PHE A 28 2.63 -1.65 -4.82
C PHE A 28 3.00 -0.20 -4.48
N GLY A 29 4.10 0.28 -5.05
CA GLY A 29 4.48 1.67 -4.92
C GLY A 29 4.45 2.15 -3.48
N THR A 30 3.48 2.99 -3.18
CA THR A 30 3.30 3.52 -1.84
C THR A 30 1.81 3.63 -1.52
N CYS A 31 1.54 3.69 -0.24
CA CYS A 31 0.21 3.93 0.27
C CYS A 31 0.20 5.30 0.91
N SER A 32 -0.75 5.55 1.81
CA SER A 32 -0.76 6.78 2.60
C SER A 32 0.67 7.27 2.91
N TRP A 33 1.07 8.32 2.19
CA TRP A 33 2.42 8.91 2.31
C TRP A 33 3.52 7.89 2.01
N ARG A 34 4.75 8.36 1.84
CA ARG A 34 5.87 7.49 1.50
C ARG A 34 6.35 6.70 2.73
N GLN A 35 5.43 6.49 3.66
CA GLN A 35 5.72 5.79 4.89
C GLN A 35 5.14 4.38 4.83
N LYS A 36 3.94 4.28 4.28
CA LYS A 36 3.26 3.01 4.17
C LYS A 36 3.36 2.50 2.74
N THR A 37 3.61 1.21 2.59
CA THR A 37 3.62 0.61 1.27
C THR A 37 2.27 -0.05 0.99
N CYS A 38 1.83 0.01 -0.25
CA CYS A 38 0.58 -0.63 -0.62
C CYS A 38 0.80 -2.11 -0.85
N CYS A 39 -0.04 -2.92 -0.25
CA CYS A 39 0.03 -4.35 -0.43
C CYS A 39 -1.22 -4.86 -1.12
N VAL A 40 -1.05 -5.28 -2.37
CA VAL A 40 -2.14 -5.80 -3.17
C VAL A 40 -1.72 -7.07 -3.89
N LEU A 1 -8.21 11.20 1.50
CA LEU A 1 -7.13 10.25 1.84
C LEU A 1 -5.76 10.86 1.53
N PRO A 2 -4.73 10.44 2.29
CA PRO A 2 -3.34 10.89 2.17
C PRO A 2 -2.92 11.33 0.76
N ARG A 3 -2.59 10.36 -0.09
CA ARG A 3 -2.10 10.67 -1.44
C ARG A 3 -2.20 9.48 -2.39
N ASP A 4 -1.64 8.34 -2.02
CA ASP A 4 -1.65 7.16 -2.88
C ASP A 4 -2.60 6.09 -2.37
N THR A 5 -3.17 6.33 -1.19
CA THR A 5 -4.12 5.41 -0.58
C THR A 5 -5.28 5.06 -1.52
N SER A 6 -5.88 6.09 -2.12
CA SER A 6 -7.04 5.90 -2.99
C SER A 6 -6.70 5.05 -4.20
N ARG A 7 -5.45 5.16 -4.64
CA ARG A 7 -4.95 4.33 -5.73
C ARG A 7 -4.89 2.88 -5.28
N CYS A 8 -4.32 2.67 -4.10
CA CYS A 8 -4.15 1.32 -3.55
C CYS A 8 -5.49 0.63 -3.33
N VAL A 9 -6.45 1.37 -2.80
CA VAL A 9 -7.76 0.80 -2.50
C VAL A 9 -8.62 0.74 -3.77
N GLY A 10 -8.13 1.37 -4.82
CA GLY A 10 -8.74 1.20 -6.13
C GLY A 10 -8.56 -0.23 -6.60
N TYR A 11 -7.50 -0.86 -6.11
CA TYR A 11 -7.25 -2.26 -6.38
C TYR A 11 -7.89 -3.11 -5.28
N HIS A 12 -7.10 -3.90 -4.58
CA HIS A 12 -7.60 -4.82 -3.55
C HIS A 12 -6.47 -5.18 -2.61
N GLY A 13 -6.50 -4.65 -1.40
CA GLY A 13 -5.46 -4.96 -0.44
C GLY A 13 -5.53 -4.10 0.78
N TYR A 14 -4.40 -3.57 1.20
CA TYR A 14 -4.35 -2.72 2.39
C TYR A 14 -3.01 -2.01 2.50
N CYS A 15 -2.94 -1.10 3.44
CA CYS A 15 -1.76 -0.26 3.64
C CYS A 15 -1.01 -0.67 4.90
N ILE A 16 0.31 -0.81 4.78
CA ILE A 16 1.12 -1.17 5.93
C ILE A 16 2.22 -0.13 6.15
N ARG A 17 2.57 0.07 7.40
CA ARG A 17 3.76 0.83 7.74
C ARG A 17 4.96 -0.11 7.80
N SER A 18 5.57 -0.32 6.64
CA SER A 18 6.71 -1.22 6.49
C SER A 18 7.15 -1.18 5.04
N LYS A 19 8.26 -1.84 4.75
CA LYS A 19 8.77 -1.89 3.38
C LYS A 19 8.66 -3.29 2.82
N VAL A 20 8.23 -4.23 3.65
CA VAL A 20 8.10 -5.62 3.25
C VAL A 20 6.65 -6.09 3.38
N CYS A 21 6.07 -6.50 2.26
CA CYS A 21 4.68 -6.96 2.25
C CYS A 21 4.60 -8.46 2.42
N PRO A 22 3.70 -8.93 3.31
CA PRO A 22 3.43 -10.35 3.50
C PRO A 22 2.80 -10.97 2.26
N LYS A 23 2.95 -12.27 2.12
CA LYS A 23 2.45 -12.95 0.94
C LYS A 23 1.11 -13.62 1.20
N PRO A 24 0.30 -13.74 0.14
CA PRO A 24 0.65 -13.21 -1.17
C PRO A 24 0.17 -11.77 -1.38
N PHE A 25 1.14 -10.88 -1.48
CA PHE A 25 0.90 -9.47 -1.79
C PHE A 25 2.16 -8.88 -2.39
N ALA A 26 1.99 -7.85 -3.20
CA ALA A 26 3.12 -7.18 -3.81
C ALA A 26 3.26 -5.78 -3.25
N ALA A 27 4.49 -5.32 -3.13
CA ALA A 27 4.75 -3.97 -2.63
C ALA A 27 4.39 -2.94 -3.70
N PHE A 28 3.14 -2.53 -3.69
CA PHE A 28 2.60 -1.64 -4.69
C PHE A 28 2.98 -0.20 -4.37
N GLY A 29 4.12 0.24 -4.90
CA GLY A 29 4.56 1.61 -4.78
C GLY A 29 4.47 2.14 -3.37
N THR A 30 3.50 3.02 -3.15
CA THR A 30 3.30 3.63 -1.86
C THR A 30 1.82 3.77 -1.53
N CYS A 31 1.57 3.87 -0.25
CA CYS A 31 0.26 4.11 0.30
C CYS A 31 0.27 5.49 0.91
N SER A 32 -0.63 5.73 1.86
CA SER A 32 -0.62 6.96 2.64
C SER A 32 0.80 7.47 2.86
N TRP A 33 1.14 8.54 2.14
CA TRP A 33 2.46 9.16 2.16
C TRP A 33 3.57 8.15 1.82
N ARG A 34 4.80 8.61 1.74
CA ARG A 34 5.92 7.72 1.44
C ARG A 34 6.33 6.95 2.69
N GLN A 35 5.38 6.77 3.58
CA GLN A 35 5.60 6.11 4.85
C GLN A 35 5.05 4.69 4.80
N LYS A 36 3.88 4.56 4.19
CA LYS A 36 3.22 3.26 4.13
C LYS A 36 3.34 2.69 2.73
N THR A 37 3.52 1.38 2.67
CA THR A 37 3.57 0.68 1.40
C THR A 37 2.23 0.02 1.12
N CYS A 38 1.83 -0.03 -0.15
CA CYS A 38 0.59 -0.67 -0.52
C CYS A 38 0.82 -2.16 -0.73
N CYS A 39 -0.06 -2.98 -0.19
CA CYS A 39 0.04 -4.42 -0.39
C CYS A 39 -1.20 -4.93 -1.08
N VAL A 40 -1.03 -5.34 -2.33
CA VAL A 40 -2.12 -5.86 -3.14
C VAL A 40 -1.66 -7.09 -3.91
#